data_5XDM
#
_entry.id   5XDM
#
_cell.length_a   65.061
_cell.length_b   65.061
_cell.length_c   115.926
_cell.angle_alpha   90.00
_cell.angle_beta   90.00
_cell.angle_gamma   90.00
#
_symmetry.space_group_name_H-M   'P 43 2 2'
#
_entity_poly.entity_id   1
_entity_poly.type   'polypeptide(L)'
_entity_poly.pdbx_seq_one_letter_code
;PVTKTRLIDTPVRSGQRIYAPQCDLIVTSHVSAGAELIADGNIHVYGMMRGRALAGASGDRETQIFCTNLMAELVSIAGE
YWLSDQIPAEFYGKAARLQLVENALTVQPLNLEHHHHHH
;
_entity_poly.pdbx_strand_id   A,B
#
# COMPACT_ATOMS: atom_id res chain seq x y z
N PRO A 1 -0.70 8.40 26.33
CA PRO A 1 -0.97 7.02 25.94
C PRO A 1 -2.20 6.42 26.64
N VAL A 2 -3.31 6.28 25.92
CA VAL A 2 -4.56 5.72 26.44
C VAL A 2 -5.28 5.04 25.29
N THR A 3 -6.32 4.28 25.63
CA THR A 3 -7.25 3.78 24.61
C THR A 3 -8.16 4.89 24.09
N LYS A 4 -8.10 6.07 24.69
CA LYS A 4 -8.84 7.22 24.20
C LYS A 4 -8.47 7.48 22.74
N THR A 5 -9.44 7.95 21.96
CA THR A 5 -9.18 8.30 20.57
C THR A 5 -8.04 9.31 20.48
N ARG A 6 -7.19 9.12 19.47
CA ARG A 6 -6.05 9.99 19.22
C ARG A 6 -6.49 11.13 18.30
N LEU A 7 -6.59 12.33 18.86
CA LEU A 7 -6.97 13.50 18.09
C LEU A 7 -5.74 14.34 17.79
N ILE A 8 -5.65 14.81 16.55
CA ILE A 8 -4.53 15.60 16.05
C ILE A 8 -5.12 16.75 15.25
N ASP A 9 -5.08 17.96 15.81
CA ASP A 9 -5.51 19.16 15.09
C ASP A 9 -4.31 19.95 14.59
N THR A 10 -3.36 19.25 13.99
CA THR A 10 -2.21 19.81 13.31
C THR A 10 -1.96 18.95 12.09
N PRO A 11 -1.65 19.53 10.94
CA PRO A 11 -1.48 18.72 9.72
C PRO A 11 -0.38 17.68 9.87
N VAL A 12 -0.56 16.55 9.18
CA VAL A 12 0.45 15.50 9.11
C VAL A 12 1.20 15.66 7.81
N ARG A 13 2.50 15.95 7.88
CA ARG A 13 3.28 16.31 6.70
C ARG A 13 3.92 15.08 6.07
N SER A 14 4.39 15.26 4.83
CA SER A 14 4.96 14.16 4.07
C SER A 14 6.17 13.56 4.78
N GLY A 15 6.15 12.26 4.94
CA GLY A 15 7.20 11.53 5.60
C GLY A 15 6.88 11.14 7.03
N GLN A 16 5.89 11.81 7.64
CA GLN A 16 5.53 11.50 9.02
C GLN A 16 4.59 10.31 9.07
N ARG A 17 4.63 9.60 10.20
CA ARG A 17 3.80 8.43 10.45
C ARG A 17 3.06 8.59 11.76
N ILE A 18 1.74 8.43 11.71
CA ILE A 18 0.88 8.53 12.88
C ILE A 18 0.25 7.16 13.10
N TYR A 19 0.41 6.62 14.31
CA TYR A 19 -0.13 5.31 14.66
C TYR A 19 -0.98 5.42 15.91
N ALA A 20 -2.28 5.20 15.76
CA ALA A 20 -3.19 5.13 16.90
C ALA A 20 -3.40 3.66 17.23
N PRO A 21 -2.83 3.15 18.32
CA PRO A 21 -2.76 1.68 18.49
C PRO A 21 -4.11 0.97 18.49
N GLN A 22 -4.99 1.26 19.45
CA GLN A 22 -6.27 0.55 19.56
C GLN A 22 -7.41 1.52 19.78
N CYS A 23 -7.45 2.54 18.94
CA CYS A 23 -8.42 3.62 19.07
C CYS A 23 -8.54 4.27 17.70
N ASP A 24 -9.58 5.09 17.56
CA ASP A 24 -9.73 5.86 16.34
C ASP A 24 -8.67 6.95 16.26
N LEU A 25 -8.38 7.36 15.03
CA LEU A 25 -7.49 8.47 14.74
C LEU A 25 -8.27 9.58 14.08
N ILE A 26 -8.04 10.82 14.50
CA ILE A 26 -8.72 11.98 13.95
C ILE A 26 -7.66 13.01 13.58
N VAL A 27 -7.69 13.46 12.33
CA VAL A 27 -6.81 14.50 11.83
C VAL A 27 -7.71 15.64 11.37
N THR A 28 -7.66 16.75 12.09
CA THR A 28 -8.50 17.90 11.78
C THR A 28 -7.87 18.83 10.75
N SER A 29 -6.68 18.51 10.26
CA SER A 29 -6.01 19.35 9.28
C SER A 29 -5.71 18.56 8.02
N HIS A 30 -4.69 18.99 7.27
CA HIS A 30 -4.36 18.40 5.99
C HIS A 30 -3.33 17.30 6.15
N VAL A 31 -3.49 16.24 5.36
CA VAL A 31 -2.56 15.12 5.32
C VAL A 31 -1.84 15.17 3.99
N SER A 32 -0.51 15.17 4.04
CA SER A 32 0.29 15.36 2.84
C SER A 32 0.49 14.03 2.11
N ALA A 33 1.26 14.06 1.04
CA ALA A 33 1.43 12.89 0.17
C ALA A 33 2.11 11.75 0.91
N GLY A 34 3.35 11.98 1.36
CA GLY A 34 4.07 10.93 2.04
C GLY A 34 3.55 10.60 3.42
N ALA A 35 2.56 11.34 3.91
CA ALA A 35 2.02 11.12 5.24
C ALA A 35 1.21 9.82 5.28
N GLU A 36 1.47 9.01 6.30
CA GLU A 36 0.86 7.69 6.47
C GLU A 36 0.06 7.67 7.76
N LEU A 37 -1.24 7.43 7.65
CA LEU A 37 -2.12 7.32 8.82
C LEU A 37 -2.54 5.87 9.02
N ILE A 38 -2.30 5.35 10.23
CA ILE A 38 -2.64 3.97 10.54
C ILE A 38 -3.23 3.90 11.94
N ALA A 39 -4.25 3.05 12.08
CA ALA A 39 -4.96 2.90 13.35
C ALA A 39 -5.75 1.61 13.29
N ASP A 40 -5.91 0.98 14.46
CA ASP A 40 -6.74 -0.20 14.55
C ASP A 40 -8.23 0.11 14.59
N GLY A 41 -8.60 1.37 14.79
CA GLY A 41 -9.98 1.79 14.78
C GLY A 41 -10.33 2.51 13.50
N ASN A 42 -11.09 3.60 13.63
CA ASN A 42 -11.50 4.40 12.49
C ASN A 42 -10.50 5.52 12.23
N ILE A 43 -10.59 6.09 11.03
CA ILE A 43 -9.76 7.23 10.63
C ILE A 43 -10.68 8.33 10.13
N HIS A 44 -10.61 9.50 10.75
CA HIS A 44 -11.33 10.68 10.30
C HIS A 44 -10.30 11.71 9.85
N VAL A 45 -10.51 12.27 8.66
CA VAL A 45 -9.61 13.27 8.11
C VAL A 45 -10.46 14.44 7.65
N TYR A 46 -10.38 15.55 8.38
CA TYR A 46 -11.17 16.75 8.13
C TYR A 46 -10.33 17.83 7.47
N GLY A 47 -9.72 17.45 6.35
CA GLY A 47 -8.95 18.37 5.56
C GLY A 47 -8.57 17.70 4.26
N MET A 48 -7.52 18.19 3.65
CA MET A 48 -6.99 17.60 2.41
C MET A 48 -6.30 16.29 2.74
N MET A 49 -6.87 15.18 2.28
CA MET A 49 -6.32 13.85 2.54
C MET A 49 -5.58 13.42 1.29
N ARG A 50 -4.30 13.77 1.25
CA ARG A 50 -3.43 13.44 0.12
C ARG A 50 -2.50 12.29 0.43
N GLY A 51 -2.56 11.72 1.63
CA GLY A 51 -1.65 10.69 2.05
C GLY A 51 -2.26 9.31 2.03
N ARG A 52 -1.93 8.52 3.05
CA ARG A 52 -2.36 7.13 3.17
C ARG A 52 -3.07 6.91 4.49
N ALA A 53 -4.20 6.20 4.45
CA ALA A 53 -4.98 5.87 5.63
C ALA A 53 -5.23 4.38 5.65
N LEU A 54 -4.71 3.71 6.69
CA LEU A 54 -4.89 2.29 6.89
C LEU A 54 -5.70 2.12 8.17
N ALA A 55 -6.98 1.77 8.03
CA ALA A 55 -7.87 1.60 9.16
C ALA A 55 -8.02 0.11 9.49
N GLY A 56 -8.49 -0.14 10.71
CA GLY A 56 -8.61 -1.52 11.18
C GLY A 56 -7.34 -2.32 11.01
N ALA A 57 -6.20 -1.72 11.36
CA ALA A 57 -4.91 -2.35 11.08
C ALA A 57 -4.77 -3.70 11.76
N SER A 58 -5.45 -3.90 12.88
CA SER A 58 -5.40 -5.16 13.62
C SER A 58 -6.42 -6.18 13.12
N GLY A 59 -7.26 -5.81 12.16
CA GLY A 59 -8.23 -6.72 11.59
C GLY A 59 -9.69 -6.39 11.88
N ASP A 60 -10.00 -5.27 12.52
CA ASP A 60 -11.38 -4.89 12.76
C ASP A 60 -12.02 -4.48 11.44
N ARG A 61 -12.91 -5.33 10.91
CA ARG A 61 -13.51 -5.10 9.61
C ARG A 61 -14.74 -4.21 9.66
N GLU A 62 -15.24 -3.90 10.85
CA GLU A 62 -16.39 -3.03 11.00
C GLU A 62 -15.99 -1.56 11.06
N THR A 63 -14.70 -1.27 10.93
CA THR A 63 -14.19 0.09 10.99
C THR A 63 -14.30 0.75 9.63
N GLN A 64 -14.24 2.09 9.62
CA GLN A 64 -14.45 2.87 8.41
C GLN A 64 -13.48 4.05 8.37
N ILE A 65 -13.43 4.70 7.21
CA ILE A 65 -12.62 5.88 6.98
C ILE A 65 -13.54 7.01 6.50
N PHE A 66 -13.44 8.17 7.13
CA PHE A 66 -14.29 9.32 6.83
C PHE A 66 -13.42 10.48 6.39
N CYS A 67 -13.67 11.02 5.20
CA CYS A 67 -12.88 12.12 4.67
C CYS A 67 -13.78 13.23 4.14
N THR A 68 -13.24 14.45 4.19
CA THR A 68 -13.88 15.60 3.57
C THR A 68 -13.29 15.94 2.21
N ASN A 69 -12.01 15.62 1.98
CA ASN A 69 -11.33 15.85 0.71
C ASN A 69 -10.51 14.59 0.45
N LEU A 70 -11.11 13.64 -0.25
CA LEU A 70 -10.47 12.33 -0.47
C LEU A 70 -9.61 12.45 -1.71
N MET A 71 -8.30 12.62 -1.48
CA MET A 71 -7.29 12.63 -2.54
C MET A 71 -6.16 11.69 -2.18
N ALA A 72 -6.50 10.57 -1.54
CA ALA A 72 -5.51 9.71 -0.91
C ALA A 72 -4.72 8.91 -1.93
N GLU A 73 -3.48 8.60 -1.55
CA GLU A 73 -2.64 7.68 -2.33
C GLU A 73 -3.09 6.24 -2.15
N LEU A 74 -3.39 5.85 -0.91
CA LEU A 74 -3.77 4.51 -0.55
C LEU A 74 -4.73 4.58 0.60
N VAL A 75 -5.80 3.79 0.54
CA VAL A 75 -6.80 3.73 1.60
C VAL A 75 -7.08 2.27 1.88
N SER A 76 -6.95 1.88 3.14
CA SER A 76 -7.07 0.48 3.50
C SER A 76 -7.94 0.32 4.73
N ILE A 77 -8.75 -0.74 4.71
CA ILE A 77 -9.47 -1.21 5.88
C ILE A 77 -9.08 -2.66 6.08
N ALA A 78 -8.75 -3.01 7.33
CA ALA A 78 -8.21 -4.33 7.61
C ALA A 78 -7.04 -4.54 6.66
N GLY A 79 -7.14 -5.53 5.78
CA GLY A 79 -6.09 -5.74 4.81
C GLY A 79 -6.46 -5.21 3.44
N GLU A 80 -7.76 -5.22 3.12
CA GLU A 80 -8.21 -4.82 1.81
C GLU A 80 -7.94 -3.33 1.58
N TYR A 81 -7.31 -3.04 0.45
CA TYR A 81 -6.78 -1.72 0.16
C TYR A 81 -7.14 -1.28 -1.24
N TRP A 82 -7.10 0.03 -1.45
CA TRP A 82 -7.30 0.67 -2.74
C TRP A 82 -6.16 1.66 -2.96
N LEU A 83 -5.73 1.77 -4.20
CA LEU A 83 -4.79 2.79 -4.62
C LEU A 83 -5.55 3.94 -5.28
N SER A 84 -4.83 5.05 -5.50
CA SER A 84 -5.46 6.26 -6.01
C SER A 84 -6.28 5.97 -7.25
N ASP A 85 -5.80 5.07 -8.12
CA ASP A 85 -6.51 4.77 -9.35
C ASP A 85 -7.80 4.00 -9.08
N GLN A 86 -7.81 3.14 -8.06
CA GLN A 86 -9.01 2.37 -7.77
C GLN A 86 -10.09 3.24 -7.16
N ILE A 87 -9.73 4.35 -6.51
CA ILE A 87 -10.71 5.30 -5.98
C ILE A 87 -11.50 5.85 -7.15
N PRO A 88 -12.82 5.71 -7.18
CA PRO A 88 -13.60 6.32 -8.26
C PRO A 88 -13.27 7.79 -8.42
N ALA A 89 -12.98 8.20 -9.65
CA ALA A 89 -12.71 9.61 -9.92
C ALA A 89 -13.86 10.50 -9.48
N GLU A 90 -15.06 9.93 -9.37
CA GLU A 90 -16.24 10.67 -8.92
C GLU A 90 -16.00 11.38 -7.59
N PHE A 91 -15.09 10.86 -6.75
CA PHE A 91 -14.90 11.37 -5.40
C PHE A 91 -13.62 12.17 -5.20
N TYR A 92 -12.72 12.23 -6.19
CA TYR A 92 -11.45 12.92 -5.98
C TYR A 92 -11.70 14.36 -5.56
N GLY A 93 -11.27 14.70 -4.35
CA GLY A 93 -11.43 16.03 -3.81
C GLY A 93 -12.76 16.31 -3.14
N LYS A 94 -13.56 15.30 -2.85
CA LYS A 94 -14.86 15.50 -2.23
C LYS A 94 -14.95 14.69 -0.93
N ALA A 95 -16.12 14.77 -0.30
CA ALA A 95 -16.37 14.08 0.95
C ALA A 95 -16.75 12.63 0.68
N ALA A 96 -16.07 11.71 1.37
CA ALA A 96 -16.22 10.29 1.10
C ALA A 96 -16.18 9.50 2.39
N ARG A 97 -16.62 8.24 2.29
CA ARG A 97 -16.82 7.37 3.44
C ARG A 97 -16.58 5.95 2.98
N LEU A 98 -15.46 5.36 3.38
CA LEU A 98 -15.06 4.04 2.93
C LEU A 98 -15.29 3.01 4.01
N GLN A 99 -15.90 1.88 3.64
CA GLN A 99 -16.14 0.79 4.58
C GLN A 99 -16.12 -0.54 3.84
N LEU A 100 -16.03 -1.62 4.62
CA LEU A 100 -16.08 -2.97 4.10
C LEU A 100 -17.50 -3.53 4.19
N VAL A 101 -17.99 -4.08 3.07
CA VAL A 101 -19.34 -4.64 3.04
C VAL A 101 -19.24 -6.16 3.03
N GLU A 102 -18.74 -6.72 1.94
CA GLU A 102 -18.59 -8.17 1.83
C GLU A 102 -17.18 -8.55 2.26
N ASN A 103 -16.23 -8.35 1.36
CA ASN A 103 -14.81 -8.46 1.69
C ASN A 103 -14.03 -7.48 0.81
N ALA A 104 -14.62 -6.32 0.55
CA ALA A 104 -14.09 -5.40 -0.44
C ALA A 104 -14.41 -3.97 -0.03
N LEU A 105 -13.62 -3.05 -0.56
CA LEU A 105 -13.81 -1.63 -0.28
C LEU A 105 -15.09 -1.13 -0.91
N THR A 106 -15.74 -0.20 -0.21
CA THR A 106 -16.92 0.51 -0.69
C THR A 106 -16.75 1.97 -0.32
N VAL A 107 -17.28 2.85 -1.18
CA VAL A 107 -17.17 4.29 -0.98
C VAL A 107 -18.54 4.93 -1.14
N GLN A 108 -18.86 5.86 -0.24
CA GLN A 108 -20.08 6.64 -0.25
C GLN A 108 -19.74 8.09 -0.02
N PRO A 109 -20.70 9.01 -0.12
CA PRO A 109 -20.39 10.43 0.12
C PRO A 109 -20.50 10.91 1.57
N LEU A 110 -21.26 10.22 2.41
CA LEU A 110 -21.53 10.64 3.80
C LEU A 110 -22.18 12.03 3.86
N ASN A 111 -23.24 12.22 3.08
CA ASN A 111 -23.98 13.47 3.13
C ASN A 111 -25.18 13.37 4.08
N THR B 5 9.77 -20.81 -8.56
CA THR B 5 9.01 -22.01 -8.28
C THR B 5 7.67 -21.98 -9.03
N ARG B 6 7.17 -20.77 -9.27
CA ARG B 6 6.00 -20.58 -10.11
C ARG B 6 6.39 -19.74 -11.32
N LEU B 7 5.86 -20.12 -12.48
CA LEU B 7 6.27 -19.54 -13.76
C LEU B 7 5.11 -18.82 -14.42
N ILE B 8 5.36 -17.59 -14.87
CA ILE B 8 4.38 -16.82 -15.63
C ILE B 8 5.11 -16.15 -16.79
N ASP B 9 5.00 -16.74 -17.98
CA ASP B 9 5.56 -16.16 -19.19
C ASP B 9 4.44 -15.65 -20.09
N THR B 10 3.46 -14.98 -19.50
CA THR B 10 2.37 -14.33 -20.22
C THR B 10 2.12 -13.02 -19.51
N PRO B 11 1.88 -11.93 -20.24
CA PRO B 11 1.72 -10.64 -19.55
C PRO B 11 0.59 -10.70 -18.53
N VAL B 12 0.81 -10.02 -17.40
CA VAL B 12 -0.19 -9.88 -16.36
C VAL B 12 -0.84 -8.52 -16.54
N ARG B 13 -1.99 -8.50 -17.20
CA ARG B 13 -2.66 -7.26 -17.50
C ARG B 13 -3.37 -6.70 -16.26
N SER B 14 -3.82 -5.45 -16.37
CA SER B 14 -4.39 -4.75 -15.23
C SER B 14 -5.63 -5.45 -14.69
N GLY B 15 -5.69 -5.60 -13.36
CA GLY B 15 -6.81 -6.20 -12.71
C GLY B 15 -6.60 -7.64 -12.25
N GLN B 16 -5.57 -8.30 -12.74
CA GLN B 16 -5.35 -9.71 -12.39
C GLN B 16 -4.72 -9.82 -11.01
N ARG B 17 -4.92 -10.98 -10.41
CA ARG B 17 -4.37 -11.31 -9.10
C ARG B 17 -3.60 -12.61 -9.23
N ILE B 18 -2.35 -12.62 -8.80
CA ILE B 18 -1.48 -13.80 -8.92
C ILE B 18 -1.13 -14.26 -7.52
N TYR B 19 -1.42 -15.53 -7.23
CA TYR B 19 -1.18 -16.13 -5.93
C TYR B 19 0.00 -17.07 -6.00
N ALA B 20 0.88 -16.98 -5.01
CA ALA B 20 1.95 -17.96 -4.82
C ALA B 20 1.93 -18.37 -3.35
N PRO B 21 1.37 -19.53 -3.02
CA PRO B 21 1.10 -19.85 -1.60
C PRO B 21 2.35 -19.94 -0.75
N GLN B 22 3.22 -20.91 -1.05
CA GLN B 22 4.42 -21.14 -0.27
C GLN B 22 5.60 -21.33 -1.21
N CYS B 23 5.73 -20.42 -2.17
CA CYS B 23 6.76 -20.62 -3.19
C CYS B 23 7.15 -19.27 -3.77
N ASP B 24 8.29 -19.26 -4.43
CA ASP B 24 8.73 -18.08 -5.14
C ASP B 24 7.87 -17.88 -6.37
N LEU B 25 7.73 -16.62 -6.79
CA LEU B 25 7.02 -16.28 -8.00
C LEU B 25 7.99 -15.69 -9.00
N ILE B 26 7.89 -16.11 -10.26
CA ILE B 26 8.72 -15.57 -11.33
C ILE B 26 7.80 -15.20 -12.48
N VAL B 27 7.85 -13.94 -12.90
CA VAL B 27 7.08 -13.44 -14.01
C VAL B 27 8.08 -12.93 -15.05
N THR B 28 8.18 -13.63 -16.17
CA THR B 28 9.14 -13.27 -17.21
C THR B 28 8.58 -12.26 -18.18
N SER B 29 7.35 -11.77 -17.96
CA SER B 29 6.74 -10.81 -18.86
C SER B 29 6.40 -9.52 -18.14
N HIS B 30 5.46 -8.76 -18.69
CA HIS B 30 5.15 -7.43 -18.18
C HIS B 30 4.02 -7.47 -17.17
N VAL B 31 4.15 -6.62 -16.14
CA VAL B 31 3.13 -6.47 -15.11
C VAL B 31 2.50 -5.09 -15.28
N SER B 32 1.19 -5.06 -15.43
CA SER B 32 0.47 -3.83 -15.75
C SER B 32 0.12 -3.07 -14.46
N ALA B 33 -0.64 -1.98 -14.61
CA ALA B 33 -0.93 -1.10 -13.49
C ALA B 33 -1.70 -1.82 -12.39
N GLY B 34 -2.92 -2.26 -12.70
CA GLY B 34 -3.75 -2.93 -11.72
C GLY B 34 -3.31 -4.32 -11.33
N ALA B 35 -2.25 -4.84 -11.94
CA ALA B 35 -1.81 -6.21 -11.69
C ALA B 35 -1.25 -6.32 -10.28
N GLU B 36 -1.69 -7.36 -9.56
CA GLU B 36 -1.29 -7.58 -8.17
C GLU B 36 -0.60 -8.93 -8.06
N LEU B 37 0.67 -8.90 -7.64
CA LEU B 37 1.47 -10.10 -7.42
C LEU B 37 1.67 -10.28 -5.92
N ILE B 38 1.38 -11.46 -5.42
CA ILE B 38 1.53 -11.74 -4.00
C ILE B 38 2.11 -13.14 -3.81
N ALA B 39 2.98 -13.27 -2.80
CA ALA B 39 3.65 -14.54 -2.55
C ALA B 39 4.20 -14.55 -1.13
N ASP B 40 4.24 -15.74 -0.53
CA ASP B 40 4.90 -15.90 0.77
C ASP B 40 6.41 -16.01 0.64
N GLY B 41 6.93 -16.22 -0.56
CA GLY B 41 8.36 -16.28 -0.80
C GLY B 41 8.90 -15.05 -1.50
N ASN B 42 9.78 -15.28 -2.48
CA ASN B 42 10.37 -14.21 -3.26
C ASN B 42 9.57 -13.96 -4.54
N ILE B 43 9.74 -12.77 -5.10
CA ILE B 43 9.10 -12.39 -6.35
C ILE B 43 10.15 -11.81 -7.28
N HIS B 44 10.24 -12.38 -8.48
CA HIS B 44 11.11 -11.88 -9.54
C HIS B 44 10.24 -11.42 -10.70
N VAL B 45 10.54 -10.23 -11.22
CA VAL B 45 9.81 -9.67 -12.36
C VAL B 45 10.84 -9.26 -13.41
N TYR B 46 10.90 -10.01 -14.50
CA TYR B 46 11.90 -9.79 -15.54
C TYR B 46 11.28 -9.14 -16.78
N GLY B 47 10.62 -8.02 -16.53
CA GLY B 47 10.01 -7.25 -17.60
C GLY B 47 9.57 -5.91 -17.05
N MET B 48 8.61 -5.30 -17.73
CA MET B 48 8.10 -4.01 -17.28
C MET B 48 7.25 -4.23 -16.03
N MET B 49 7.76 -3.78 -14.89
CA MET B 49 7.10 -3.93 -13.60
C MET B 49 6.45 -2.61 -13.21
N ARG B 50 5.17 -2.46 -13.53
CA ARG B 50 4.44 -1.23 -13.27
C ARG B 50 3.14 -1.52 -12.53
N GLY B 51 3.17 -2.51 -11.63
CA GLY B 51 2.01 -2.91 -10.85
C GLY B 51 2.38 -3.06 -9.38
N ARG B 52 1.82 -4.09 -8.75
CA ARG B 52 2.01 -4.31 -7.33
C ARG B 52 2.57 -5.70 -7.08
N ALA B 53 3.59 -5.78 -6.22
CA ALA B 53 4.19 -7.04 -5.80
C ALA B 53 4.26 -7.07 -4.28
N LEU B 54 3.57 -8.02 -3.66
CA LEU B 54 3.57 -8.17 -2.21
C LEU B 54 4.27 -9.48 -1.87
N ALA B 55 5.51 -9.38 -1.40
CA ALA B 55 6.33 -10.52 -1.06
C ALA B 55 6.31 -10.77 0.44
N GLY B 56 6.73 -11.98 0.82
CA GLY B 56 6.69 -12.36 2.23
C GLY B 56 5.32 -12.17 2.85
N ALA B 57 4.27 -12.54 2.12
CA ALA B 57 2.91 -12.23 2.56
C ALA B 57 2.57 -12.85 3.91
N SER B 58 3.19 -13.99 4.25
CA SER B 58 2.94 -14.66 5.51
C SER B 58 3.82 -14.17 6.65
N GLY B 59 4.72 -13.23 6.39
CA GLY B 59 5.61 -12.69 7.40
C GLY B 59 7.06 -13.06 7.24
N ASP B 60 7.43 -13.70 6.13
CA ASP B 60 8.80 -14.12 5.90
C ASP B 60 9.68 -12.88 5.72
N ARG B 61 10.50 -12.58 6.72
CA ARG B 61 11.33 -11.38 6.71
C ARG B 61 12.64 -11.56 5.95
N GLU B 62 12.99 -12.79 5.59
CA GLU B 62 14.18 -13.05 4.78
C GLU B 62 13.91 -13.00 3.29
N THR B 63 12.68 -12.69 2.88
CA THR B 63 12.35 -12.66 1.47
C THR B 63 12.77 -11.33 0.83
N GLN B 64 12.86 -11.34 -0.49
CA GLN B 64 13.33 -10.21 -1.27
C GLN B 64 12.53 -10.12 -2.56
N ILE B 65 12.67 -8.99 -3.23
CA ILE B 65 12.05 -8.77 -4.54
C ILE B 65 13.14 -8.40 -5.53
N PHE B 66 13.14 -9.07 -6.68
CA PHE B 66 14.14 -8.84 -7.71
C PHE B 66 13.43 -8.36 -8.96
N CYS B 67 13.83 -7.20 -9.47
CA CYS B 67 13.24 -6.64 -10.67
C CYS B 67 14.33 -6.19 -11.63
N THR B 68 14.01 -6.24 -12.92
CA THR B 68 14.88 -5.73 -13.97
C THR B 68 14.46 -4.34 -14.45
N ASN B 69 13.17 -3.99 -14.33
CA ASN B 69 12.66 -2.68 -14.72
C ASN B 69 11.62 -2.27 -13.67
N LEU B 70 12.09 -1.65 -12.58
CA LEU B 70 11.27 -1.39 -11.41
C LEU B 70 10.50 -0.07 -11.56
N MET B 71 9.22 -0.16 -11.90
CA MET B 71 8.32 0.98 -11.97
C MET B 71 7.04 0.67 -11.22
N ALA B 72 7.15 -0.06 -10.12
CA ALA B 72 5.98 -0.64 -9.47
C ALA B 72 5.15 0.42 -8.76
N GLU B 73 3.85 0.14 -8.65
CA GLU B 73 2.97 1.00 -7.85
C GLU B 73 3.18 0.76 -6.37
N LEU B 74 3.28 -0.49 -5.95
CA LEU B 74 3.42 -0.82 -4.54
C LEU B 74 4.30 -2.06 -4.43
N VAL B 75 5.27 -2.02 -3.52
CA VAL B 75 6.14 -3.17 -3.29
C VAL B 75 6.29 -3.35 -1.79
N SER B 76 5.97 -4.55 -1.29
CA SER B 76 5.99 -4.79 0.14
C SER B 76 6.65 -6.13 0.42
N ILE B 77 7.41 -6.18 1.50
CA ILE B 77 7.94 -7.42 2.04
C ILE B 77 7.52 -7.52 3.50
N ALA B 78 6.94 -8.67 3.87
CA ALA B 78 6.49 -8.91 5.25
C ALA B 78 5.68 -7.74 5.79
N GLY B 79 4.81 -7.19 4.95
CA GLY B 79 3.94 -6.10 5.31
C GLY B 79 4.56 -4.72 5.14
N GLU B 80 5.86 -4.58 5.35
CA GLU B 80 6.51 -3.29 5.16
C GLU B 80 6.41 -2.92 3.70
N TYR B 81 5.91 -1.73 3.39
CA TYR B 81 5.55 -1.42 2.02
C TYR B 81 6.10 -0.06 1.58
N TRP B 82 6.22 0.07 0.28
CA TRP B 82 6.61 1.29 -0.40
C TRP B 82 5.66 1.52 -1.56
N LEU B 83 5.36 2.78 -1.82
CA LEU B 83 4.67 3.15 -3.04
C LEU B 83 5.69 3.64 -4.06
N SER B 84 5.22 3.82 -5.29
CA SER B 84 6.11 4.21 -6.38
C SER B 84 6.94 5.43 -6.03
N ASP B 85 6.36 6.40 -5.32
CA ASP B 85 7.10 7.62 -5.01
C ASP B 85 8.19 7.38 -3.98
N GLN B 86 8.02 6.42 -3.08
CA GLN B 86 9.03 6.15 -2.07
C GLN B 86 10.25 5.44 -2.65
N ILE B 87 10.09 4.77 -3.79
CA ILE B 87 11.21 4.14 -4.47
C ILE B 87 12.24 5.22 -4.79
N PRO B 88 13.49 5.10 -4.34
CA PRO B 88 14.51 6.07 -4.75
C PRO B 88 14.55 6.19 -6.26
N ALA B 89 14.57 7.44 -6.73
CA ALA B 89 14.60 7.67 -8.17
C ALA B 89 15.79 6.98 -8.83
N GLU B 90 16.87 6.77 -8.07
CA GLU B 90 18.05 6.11 -8.63
C GLU B 90 17.70 4.79 -9.29
N PHE B 91 16.65 4.11 -8.80
CA PHE B 91 16.32 2.77 -9.28
C PHE B 91 15.02 2.70 -10.06
N TYR B 92 14.25 3.78 -10.12
CA TYR B 92 12.99 3.74 -10.85
C TYR B 92 13.24 3.42 -12.30
N GLY B 93 12.70 2.29 -12.76
CA GLY B 93 12.85 1.88 -14.14
C GLY B 93 14.13 1.13 -14.42
N LYS B 94 14.85 0.71 -13.40
CA LYS B 94 16.11 0.00 -13.54
C LYS B 94 16.04 -1.33 -12.78
N ALA B 95 17.14 -2.07 -12.79
CA ALA B 95 17.19 -3.33 -12.09
C ALA B 95 17.47 -3.08 -10.61
N ALA B 96 16.65 -3.67 -9.76
CA ALA B 96 16.70 -3.37 -8.34
C ALA B 96 16.47 -4.62 -7.51
N ARG B 97 17.04 -4.61 -6.31
CA ARG B 97 16.95 -5.68 -5.32
C ARG B 97 16.40 -5.09 -4.03
N LEU B 98 15.13 -5.39 -3.74
CA LEU B 98 14.50 -4.98 -2.51
C LEU B 98 14.69 -6.04 -1.43
N GLN B 99 15.23 -5.63 -0.30
CA GLN B 99 15.50 -6.50 0.84
C GLN B 99 15.00 -5.81 2.09
N LEU B 100 14.88 -6.57 3.18
CA LEU B 100 14.59 -6.01 4.49
C LEU B 100 15.87 -5.98 5.30
N VAL B 101 16.26 -4.78 5.75
CA VAL B 101 17.41 -4.59 6.62
C VAL B 101 16.89 -4.14 7.97
N GLU B 102 17.33 -4.83 9.04
CA GLU B 102 16.81 -4.57 10.37
C GLU B 102 15.31 -4.82 10.33
N ASN B 103 14.52 -3.77 10.15
CA ASN B 103 13.09 -3.93 9.90
C ASN B 103 12.61 -2.77 9.02
N ALA B 104 13.31 -2.54 7.92
CA ALA B 104 12.97 -1.47 6.99
C ALA B 104 13.31 -1.91 5.58
N LEU B 105 12.65 -1.27 4.61
CA LEU B 105 12.92 -1.55 3.20
C LEU B 105 14.28 -0.99 2.82
N THR B 106 14.98 -1.74 1.97
CA THR B 106 16.24 -1.32 1.40
C THR B 106 16.28 -1.74 -0.06
N VAL B 107 16.95 -0.95 -0.87
CA VAL B 107 17.06 -1.23 -2.30
C VAL B 107 18.52 -1.12 -2.70
N GLN B 108 18.97 -2.08 -3.50
CA GLN B 108 20.32 -2.11 -4.03
C GLN B 108 20.23 -2.36 -5.52
N PRO B 109 21.36 -2.31 -6.22
CA PRO B 109 21.33 -2.69 -7.62
C PRO B 109 21.48 -4.19 -7.72
N LEU B 110 20.80 -4.77 -8.72
CA LEU B 110 20.78 -6.21 -8.87
C LEU B 110 22.17 -6.75 -9.22
N ASN B 111 23.01 -5.95 -9.88
CA ASN B 111 24.18 -6.48 -10.56
C ASN B 111 25.35 -6.81 -9.62
N LEU B 112 25.44 -6.18 -8.47
CA LEU B 112 26.54 -6.40 -7.53
C LEU B 112 27.89 -6.18 -8.23
N GLU B 113 28.11 -4.94 -8.62
CA GLU B 113 29.39 -4.53 -9.18
C GLU B 113 30.55 -4.95 -8.28
#